data_1VPO
#
_entry.id   1VPO
#
_cell.length_a   82.252
_cell.length_b   82.252
_cell.length_c   120.059
_cell.angle_alpha   90.00
_cell.angle_beta   90.00
_cell.angle_gamma   120.00
#
_symmetry.space_group_name_H-M   'P 62'
#
loop_
_entity.id
_entity.type
_entity.pdbx_description
1 polymer 'anti-testosterone (light chain)'
2 polymer 'anti-testosterone (heavy chain)'
3 non-polymer TESTOSTERONE
4 water water
#
loop_
_entity_poly.entity_id
_entity_poly.type
_entity_poly.pdbx_seq_one_letter_code
_entity_poly.pdbx_strand_id
1 'polypeptide(L)'
;DVVVTQTPLSLPVSLGDQASISCRSSEVIVTRNGYTPIEWYLQKPGQSPKLLIYKAYKRFPGVPDRFSGSGSGTDFTLKI
SRVEAEDLGVYYCFDGSTVPPKFGGGTKLEIKRADAAPTVSIFPPSSEQLTSGGASVVCFLNNFYPKDINVKWKIDGSER
QNGVLNSWTDQDSKDSTYSMSSTLTLTKDEYERHNSYTCEATHKTSTSPIVKSFNRDEC
;
L
2 'polypeptide(L)'
;EVKLVESGGGLVKPGGSLKLSCAASGFTFSRYALSWVRQTADKRLEWVASIVSGGNTYYSGSVKGRFTISRDIARNILYL
QMSSLRSEDTAMYYCARAYYGYVGLVHWGQGTLVTVSSAKTTPPSVYPLAPGSAAQTNSMVTLGCLVKGYFPEPVTVTWN
SGSLSSGVHTFPAVLQSDLYTLSSSVTVPSSTWPSETVTCNVAHPASSTKVDKKIVPRDCG
;
H
#
loop_
_chem_comp.id
_chem_comp.type
_chem_comp.name
_chem_comp.formula
TES non-polymer TESTOSTERONE 'C19 H28 O2'
#
# COMPACT_ATOMS: atom_id res chain seq x y z
N ASP A 1 15.30 22.89 10.79
CA ASP A 1 14.30 21.97 10.16
C ASP A 1 13.11 22.72 9.58
N VAL A 2 13.04 22.74 8.26
CA VAL A 2 11.95 23.41 7.57
C VAL A 2 10.71 22.53 7.61
N VAL A 3 9.57 23.10 7.24
CA VAL A 3 8.31 22.37 7.21
C VAL A 3 7.65 22.62 5.87
N VAL A 4 7.38 21.54 5.14
CA VAL A 4 6.76 21.62 3.83
C VAL A 4 5.29 21.17 3.85
N THR A 5 4.40 22.11 3.60
CA THR A 5 2.96 21.85 3.61
C THR A 5 2.41 21.64 2.19
N GLN A 6 1.78 20.49 1.97
CA GLN A 6 1.23 20.17 0.65
C GLN A 6 -0.29 20.20 0.65
N THR A 7 -0.85 20.72 -0.44
CA THR A 7 -2.28 20.83 -0.59
C THR A 7 -2.69 20.49 -2.02
N PRO A 8 -3.81 19.75 -2.19
CA PRO A 8 -4.67 19.24 -1.12
C PRO A 8 -4.24 17.81 -0.79
N LEU A 9 -4.95 17.17 0.13
CA LEU A 9 -4.63 15.80 0.50
C LEU A 9 -5.10 14.84 -0.60
N SER A 10 -6.20 15.20 -1.26
CA SER A 10 -6.75 14.38 -2.33
C SER A 10 -7.19 15.28 -3.47
N LEU A 11 -6.88 14.90 -4.70
CA LEU A 11 -7.25 15.70 -5.85
C LEU A 11 -7.96 14.93 -6.96
N PRO A 12 -9.30 14.88 -6.91
CA PRO A 12 -10.10 14.18 -7.93
C PRO A 12 -10.10 15.03 -9.18
N VAL A 13 -9.79 14.41 -10.32
CA VAL A 13 -9.73 15.15 -11.57
C VAL A 13 -10.29 14.29 -12.69
N SER A 14 -11.01 14.92 -13.61
CA SER A 14 -11.59 14.21 -14.74
C SER A 14 -10.54 14.11 -15.84
N LEU A 15 -10.50 12.99 -16.54
CA LEU A 15 -9.52 12.82 -17.60
C LEU A 15 -9.65 13.99 -18.59
N GLY A 16 -8.52 14.48 -19.07
CA GLY A 16 -8.56 15.59 -19.98
C GLY A 16 -8.51 16.91 -19.24
N ASP A 17 -8.87 16.90 -17.97
CA ASP A 17 -8.84 18.10 -17.16
C ASP A 17 -7.44 18.40 -16.63
N GLN A 18 -7.31 19.55 -15.99
CA GLN A 18 -6.03 19.96 -15.42
C GLN A 18 -5.92 19.72 -13.93
N ALA A 19 -4.74 19.28 -13.51
CA ALA A 19 -4.46 19.01 -12.10
C ALA A 19 -3.49 20.07 -11.56
N SER A 20 -3.76 20.52 -10.34
CA SER A 20 -2.95 21.54 -9.70
C SER A 20 -2.63 21.14 -8.27
N ILE A 21 -1.35 20.94 -7.97
CA ILE A 21 -0.91 20.56 -6.63
C ILE A 21 0.10 21.60 -6.16
N SER A 22 -0.05 22.07 -4.92
CA SER A 22 0.84 23.10 -4.38
C SER A 22 1.52 22.76 -3.06
N CYS A 23 2.67 23.37 -2.86
CA CYS A 23 3.46 23.17 -1.65
C CYS A 23 4.01 24.49 -1.15
N ARG A 24 3.84 24.73 0.13
CA ARG A 24 4.35 25.95 0.74
C ARG A 24 5.41 25.57 1.77
N SER A 25 6.53 26.27 1.74
CA SER A 25 7.60 25.99 2.69
C SER A 25 7.52 27.00 3.84
N SER A 26 7.50 26.49 5.07
CA SER A 26 7.42 27.32 6.25
C SER A 26 8.61 28.29 6.32
N GLU A 27 9.38 28.35 5.24
CA GLU A 27 10.55 29.20 5.19
C GLU A 27 10.95 29.44 3.74
N VAL A 28 11.43 30.64 3.45
CA VAL A 28 11.86 30.98 2.10
C VAL A 28 12.90 29.96 1.62
N ILE A 29 12.70 29.45 0.42
CA ILE A 29 13.61 28.47 -0.14
C ILE A 29 15.01 29.04 -0.30
N VAL A 30 16.00 28.25 0.09
CA VAL A 30 17.40 28.64 -0.01
C VAL A 30 17.96 28.12 -1.32
N THR A 31 18.17 29.01 -2.28
CA THR A 31 18.69 28.61 -3.58
C THR A 31 20.01 27.86 -3.47
N ARG A 32 20.22 26.94 -4.41
CA ARG A 32 21.45 26.15 -4.46
C ARG A 32 22.13 26.44 -5.79
N ASN A 33 23.32 27.02 -5.73
CA ASN A 33 24.07 27.39 -6.93
C ASN A 33 23.18 28.19 -7.90
N GLY A 34 22.24 28.93 -7.31
CA GLY A 34 21.34 29.75 -8.10
C GLY A 34 19.94 29.17 -8.18
N TYR A 35 19.81 27.96 -8.70
CA TYR A 35 18.50 27.32 -8.83
C TYR A 35 17.86 27.06 -7.49
N THR A 36 16.57 26.78 -7.52
CA THR A 36 15.81 26.49 -6.32
C THR A 36 15.71 24.97 -6.18
N PRO A 37 16.11 24.42 -5.00
CA PRO A 37 16.07 22.98 -4.71
C PRO A 37 14.68 22.40 -4.52
N ILE A 38 13.79 22.69 -5.48
CA ILE A 38 12.41 22.21 -5.45
C ILE A 38 12.21 21.08 -6.45
N GLU A 39 11.65 19.96 -5.98
CA GLU A 39 11.42 18.80 -6.83
C GLU A 39 10.07 18.12 -6.55
N TRP A 40 9.57 17.44 -7.57
CA TRP A 40 8.30 16.72 -7.47
C TRP A 40 8.45 15.26 -7.85
N TYR A 41 7.81 14.40 -7.05
CA TYR A 41 7.85 12.97 -7.26
C TYR A 41 6.44 12.38 -7.36
N LEU A 42 6.37 11.27 -8.08
CA LEU A 42 5.13 10.53 -8.25
C LEU A 42 5.38 9.08 -7.89
N GLN A 43 4.55 8.56 -7.00
CA GLN A 43 4.63 7.17 -6.62
C GLN A 43 3.33 6.57 -7.08
N LYS A 44 3.43 5.70 -8.08
CA LYS A 44 2.26 5.03 -8.60
C LYS A 44 2.03 3.80 -7.73
N PRO A 45 0.77 3.33 -7.64
CA PRO A 45 0.43 2.15 -6.83
C PRO A 45 1.39 0.98 -7.02
N GLY A 46 1.88 0.45 -5.91
CA GLY A 46 2.82 -0.66 -5.95
C GLY A 46 4.17 -0.38 -6.60
N GLN A 47 4.50 0.89 -6.79
CA GLN A 47 5.78 1.24 -7.40
C GLN A 47 6.57 2.18 -6.51
N SER A 48 7.88 2.24 -6.74
CA SER A 48 8.73 3.13 -5.97
C SER A 48 8.53 4.53 -6.51
N PRO A 49 8.80 5.56 -5.68
CA PRO A 49 8.64 6.95 -6.12
C PRO A 49 9.59 7.23 -7.26
N LYS A 50 9.20 8.14 -8.14
CA LYS A 50 10.04 8.52 -9.27
C LYS A 50 10.08 10.03 -9.42
N LEU A 51 11.19 10.53 -9.97
CA LEU A 51 11.38 11.97 -10.17
C LEU A 51 10.69 12.49 -11.43
N LEU A 52 9.94 13.57 -11.25
CA LEU A 52 9.22 14.20 -12.36
C LEU A 52 9.84 15.54 -12.70
N ILE A 53 9.90 16.41 -11.69
CA ILE A 53 10.42 17.77 -11.83
C ILE A 53 11.47 18.05 -10.76
N TYR A 54 12.52 18.76 -11.15
CA TYR A 54 13.58 19.13 -10.23
C TYR A 54 13.98 20.57 -10.55
N LYS A 55 14.70 21.21 -9.64
CA LYS A 55 15.12 22.60 -9.83
C LYS A 55 13.85 23.46 -9.89
N ALA A 56 12.74 22.89 -9.45
CA ALA A 56 11.44 23.56 -9.41
C ALA A 56 10.62 23.49 -10.70
N TYR A 57 11.28 23.51 -11.86
CA TYR A 57 10.57 23.48 -13.14
C TYR A 57 11.26 22.67 -14.23
N LYS A 58 12.27 21.90 -13.86
CA LYS A 58 12.98 21.10 -14.85
C LYS A 58 12.43 19.69 -14.92
N ARG A 59 12.13 19.25 -16.12
CA ARG A 59 11.58 17.93 -16.36
C ARG A 59 12.61 16.82 -16.50
N PHE A 60 12.61 15.91 -15.52
CA PHE A 60 13.50 14.76 -15.54
C PHE A 60 13.21 14.09 -16.89
N PRO A 61 14.23 13.59 -17.59
CA PRO A 61 14.00 12.95 -18.89
C PRO A 61 12.94 11.85 -18.84
N GLY A 62 12.14 11.73 -19.90
CA GLY A 62 11.11 10.72 -19.94
C GLY A 62 9.74 11.20 -19.47
N VAL A 63 9.70 12.26 -18.68
CA VAL A 63 8.42 12.77 -18.17
C VAL A 63 7.71 13.58 -19.26
N PRO A 64 6.43 13.26 -19.52
CA PRO A 64 5.65 13.97 -20.56
C PRO A 64 5.66 15.48 -20.32
N ASP A 65 5.52 16.25 -21.39
CA ASP A 65 5.51 17.70 -21.27
C ASP A 65 4.20 18.16 -20.62
N ARG A 66 3.28 17.22 -20.43
CA ARG A 66 2.03 17.53 -19.78
C ARG A 66 2.33 17.94 -18.36
N PHE A 67 3.48 17.52 -17.84
CA PHE A 67 3.87 17.89 -16.48
C PHE A 67 4.75 19.13 -16.49
N SER A 68 4.45 20.07 -15.60
CA SER A 68 5.23 21.30 -15.50
C SER A 68 5.25 21.78 -14.06
N GLY A 69 6.35 22.41 -13.69
CA GLY A 69 6.50 22.92 -12.33
C GLY A 69 6.78 24.41 -12.32
N SER A 70 6.29 25.11 -11.31
CA SER A 70 6.51 26.55 -11.21
C SER A 70 6.48 26.96 -9.74
N GLY A 71 6.60 28.27 -9.49
CA GLY A 71 6.58 28.72 -8.11
C GLY A 71 7.80 29.51 -7.70
N SER A 72 7.74 30.06 -6.50
CA SER A 72 8.83 30.86 -5.96
C SER A 72 8.57 31.08 -4.47
N GLY A 73 9.62 31.52 -3.76
CA GLY A 73 9.51 31.78 -2.35
C GLY A 73 8.40 31.05 -1.62
N THR A 74 8.77 29.95 -0.96
CA THR A 74 7.82 29.13 -0.20
C THR A 74 6.61 28.60 -0.97
N ASP A 75 6.24 29.24 -2.08
CA ASP A 75 5.09 28.78 -2.85
C ASP A 75 5.46 28.06 -4.16
N PHE A 76 5.11 26.78 -4.25
CA PHE A 76 5.43 26.01 -5.44
C PHE A 76 4.28 25.12 -5.87
N THR A 77 4.07 25.06 -7.18
CA THR A 77 2.97 24.30 -7.75
C THR A 77 3.31 23.35 -8.87
N LEU A 78 2.72 22.15 -8.79
CA LEU A 78 2.87 21.13 -9.84
C LEU A 78 1.58 21.17 -10.66
N LYS A 79 1.73 21.23 -11.97
CA LYS A 79 0.57 21.29 -12.85
C LYS A 79 0.61 20.20 -13.92
N ILE A 80 -0.53 19.54 -14.11
CA ILE A 80 -0.66 18.50 -15.12
C ILE A 80 -1.70 19.00 -16.11
N SER A 81 -1.25 19.41 -17.28
CA SER A 81 -2.11 19.96 -18.33
C SER A 81 -3.41 19.19 -18.53
N ARG A 82 -3.32 17.97 -19.05
CA ARG A 82 -4.49 17.16 -19.29
C ARG A 82 -4.26 15.77 -18.72
N VAL A 83 -4.78 15.56 -17.52
CA VAL A 83 -4.62 14.29 -16.83
C VAL A 83 -5.06 13.07 -17.64
N GLU A 84 -4.22 12.03 -17.56
CA GLU A 84 -4.46 10.75 -18.22
C GLU A 84 -4.55 9.73 -17.09
N ALA A 85 -5.28 8.65 -17.33
CA ALA A 85 -5.49 7.60 -16.34
C ALA A 85 -4.21 7.13 -15.65
N GLU A 86 -3.15 6.96 -16.43
CA GLU A 86 -1.88 6.51 -15.91
C GLU A 86 -1.17 7.48 -14.94
N ASP A 87 -1.66 8.71 -14.84
CA ASP A 87 -1.05 9.70 -13.94
C ASP A 87 -1.40 9.40 -12.49
N LEU A 88 -2.44 8.59 -12.32
CA LEU A 88 -2.97 8.18 -11.02
C LEU A 88 -1.87 7.79 -10.02
N GLY A 89 -2.04 8.19 -8.75
CA GLY A 89 -1.03 7.90 -7.74
C GLY A 89 -0.79 9.03 -6.75
N VAL A 90 0.26 8.92 -5.94
CA VAL A 90 0.56 9.94 -4.95
C VAL A 90 1.74 10.82 -5.32
N TYR A 91 1.50 12.13 -5.35
CA TYR A 91 2.56 13.08 -5.69
C TYR A 91 3.15 13.68 -4.42
N TYR A 92 4.44 13.98 -4.51
CA TYR A 92 5.17 14.58 -3.39
C TYR A 92 6.07 15.69 -3.88
N CYS A 93 6.12 16.80 -3.13
CA CYS A 93 7.04 17.86 -3.49
C CYS A 93 8.23 17.62 -2.55
N PHE A 94 9.40 18.10 -2.96
CA PHE A 94 10.61 17.90 -2.18
C PHE A 94 11.36 19.23 -2.08
N ASP A 95 11.68 19.63 -0.84
CA ASP A 95 12.40 20.87 -0.57
C ASP A 95 13.73 20.54 0.10
N GLY A 96 14.78 20.49 -0.71
CA GLY A 96 16.09 20.18 -0.17
C GLY A 96 16.95 21.42 0.00
N SER A 97 16.35 22.50 0.50
CA SER A 97 17.06 23.75 0.70
C SER A 97 18.12 23.61 1.79
N THR A 98 17.78 22.92 2.86
CA THR A 98 18.70 22.71 3.97
C THR A 98 18.59 21.31 4.54
N VAL A 99 19.60 20.92 5.30
CA VAL A 99 19.59 19.62 5.93
C VAL A 99 18.72 19.77 7.17
N PRO A 100 17.74 18.89 7.33
CA PRO A 100 17.45 17.79 6.42
C PRO A 100 16.44 18.16 5.32
N PRO A 101 16.64 17.62 4.11
CA PRO A 101 15.70 17.91 3.01
C PRO A 101 14.34 17.42 3.50
N LYS A 102 13.26 18.01 2.98
CA LYS A 102 11.94 17.59 3.43
C LYS A 102 10.91 17.29 2.35
N PHE A 103 10.04 16.32 2.64
CA PHE A 103 8.99 15.94 1.70
C PHE A 103 7.65 16.49 2.16
N GLY A 104 6.82 16.88 1.19
CA GLY A 104 5.50 17.34 1.54
C GLY A 104 4.76 16.08 1.95
N GLY A 105 3.60 16.23 2.58
CA GLY A 105 2.85 15.07 3.04
C GLY A 105 2.17 14.26 1.94
N GLY A 106 2.33 14.68 0.69
CA GLY A 106 1.74 13.95 -0.40
C GLY A 106 0.32 14.30 -0.78
N THR A 107 0.02 14.10 -2.07
CA THR A 107 -1.30 14.36 -2.63
C THR A 107 -1.73 13.22 -3.55
N LYS A 108 -2.78 12.52 -3.16
CA LYS A 108 -3.29 11.41 -3.94
C LYS A 108 -4.13 11.93 -5.11
N LEU A 109 -3.60 11.85 -6.32
CA LEU A 109 -4.37 12.28 -7.49
C LEU A 109 -5.33 11.15 -7.77
N GLU A 110 -6.63 11.48 -7.77
CA GLU A 110 -7.68 10.49 -8.00
C GLU A 110 -8.41 10.80 -9.31
N ILE A 111 -8.58 9.76 -10.13
CA ILE A 111 -9.26 9.90 -11.40
C ILE A 111 -10.76 9.89 -11.16
N LYS A 112 -11.41 10.96 -11.59
CA LYS A 112 -12.85 11.12 -11.45
C LYS A 112 -13.54 10.34 -12.56
N ARG A 113 -14.53 9.54 -12.23
CA ARG A 113 -15.27 8.77 -13.23
C ARG A 113 -16.74 8.69 -12.81
N ALA A 114 -17.57 8.11 -13.67
CA ALA A 114 -18.98 7.99 -13.37
C ALA A 114 -19.18 7.17 -12.10
N ASP A 115 -20.08 7.64 -11.24
CA ASP A 115 -20.39 6.94 -10.01
C ASP A 115 -20.77 5.51 -10.37
N ALA A 116 -20.33 4.55 -9.56
CA ALA A 116 -20.65 3.16 -9.80
C ALA A 116 -20.82 2.47 -8.47
N ALA A 117 -21.94 1.77 -8.31
CA ALA A 117 -22.23 1.05 -7.08
C ALA A 117 -21.40 -0.23 -7.00
N PRO A 118 -21.08 -0.67 -5.78
CA PRO A 118 -20.28 -1.88 -5.52
C PRO A 118 -21.02 -3.20 -5.73
N THR A 119 -20.29 -4.20 -6.20
CA THR A 119 -20.87 -5.52 -6.35
C THR A 119 -20.49 -6.13 -5.00
N VAL A 120 -21.51 -6.41 -4.20
CA VAL A 120 -21.28 -6.93 -2.85
C VAL A 120 -21.44 -8.45 -2.74
N SER A 121 -20.56 -9.05 -1.93
CA SER A 121 -20.57 -10.48 -1.69
C SER A 121 -20.30 -10.73 -0.23
N ILE A 122 -21.06 -11.65 0.36
CA ILE A 122 -20.86 -12.01 1.75
C ILE A 122 -20.49 -13.48 1.84
N PHE A 123 -19.57 -13.80 2.75
CA PHE A 123 -19.09 -15.16 2.94
C PHE A 123 -19.11 -15.56 4.42
N PRO A 124 -19.76 -16.70 4.74
CA PRO A 124 -19.79 -17.11 6.15
C PRO A 124 -18.44 -17.68 6.58
N PRO A 125 -18.25 -17.90 7.89
CA PRO A 125 -16.97 -18.46 8.35
C PRO A 125 -16.75 -19.80 7.67
N SER A 126 -15.49 -20.21 7.55
CA SER A 126 -15.18 -21.47 6.91
C SER A 126 -15.18 -22.60 7.96
N SER A 127 -15.41 -23.82 7.52
CA SER A 127 -15.41 -24.96 8.42
C SER A 127 -14.12 -24.94 9.22
N GLU A 128 -13.00 -24.93 8.49
CA GLU A 128 -11.66 -24.92 9.08
C GLU A 128 -11.45 -23.89 10.18
N GLN A 129 -11.93 -22.67 9.98
CA GLN A 129 -11.75 -21.67 11.02
C GLN A 129 -12.64 -21.96 12.24
N LEU A 130 -13.86 -22.43 12.00
CA LEU A 130 -14.76 -22.76 13.11
C LEU A 130 -14.12 -23.82 13.98
N THR A 131 -13.61 -24.86 13.33
CA THR A 131 -12.95 -25.95 14.03
C THR A 131 -11.85 -25.40 14.95
N SER A 132 -11.44 -24.16 14.73
CA SER A 132 -10.38 -23.55 15.54
C SER A 132 -10.91 -22.57 16.59
N GLY A 133 -12.23 -22.42 16.66
CA GLY A 133 -12.80 -21.52 17.65
C GLY A 133 -13.02 -20.09 17.18
N GLY A 134 -12.56 -19.78 15.97
CA GLY A 134 -12.74 -18.45 15.44
C GLY A 134 -13.90 -18.41 14.47
N ALA A 135 -14.31 -17.22 14.09
CA ALA A 135 -15.41 -17.05 13.16
C ALA A 135 -15.32 -15.67 12.56
N SER A 136 -15.04 -15.62 11.27
CA SER A 136 -14.94 -14.35 10.56
C SER A 136 -15.91 -14.36 9.40
N VAL A 137 -16.77 -13.34 9.32
CA VAL A 137 -17.70 -13.22 8.22
C VAL A 137 -17.06 -12.18 7.32
N VAL A 138 -17.04 -12.46 6.03
CA VAL A 138 -16.40 -11.52 5.11
C VAL A 138 -17.35 -10.99 4.05
N CYS A 139 -17.16 -9.72 3.75
CA CYS A 139 -17.97 -9.02 2.78
C CYS A 139 -17.06 -8.25 1.83
N PHE A 140 -17.16 -8.54 0.54
CA PHE A 140 -16.37 -7.85 -0.47
C PHE A 140 -17.27 -6.86 -1.17
N LEU A 141 -16.76 -5.66 -1.40
CA LEU A 141 -17.51 -4.61 -2.09
C LEU A 141 -16.58 -4.22 -3.21
N ASN A 142 -16.86 -4.72 -4.41
CA ASN A 142 -15.96 -4.46 -5.52
C ASN A 142 -16.35 -3.52 -6.64
N ASN A 143 -15.32 -2.84 -7.14
CA ASN A 143 -15.43 -1.92 -8.26
C ASN A 143 -16.49 -0.82 -8.14
N PHE A 144 -16.29 0.07 -7.17
CA PHE A 144 -17.22 1.16 -6.95
C PHE A 144 -16.50 2.50 -7.04
N TYR A 145 -17.31 3.56 -7.06
CA TYR A 145 -16.79 4.93 -7.13
C TYR A 145 -17.96 5.89 -6.92
N PRO A 146 -17.78 6.95 -6.09
CA PRO A 146 -16.64 7.41 -5.30
C PRO A 146 -16.16 6.40 -4.26
N LYS A 147 -15.07 6.73 -3.56
CA LYS A 147 -14.52 5.83 -2.54
C LYS A 147 -15.28 5.85 -1.22
N ASP A 148 -15.87 6.99 -0.86
CA ASP A 148 -16.60 7.09 0.40
C ASP A 148 -17.71 6.05 0.42
N ILE A 149 -17.74 5.25 1.49
CA ILE A 149 -18.75 4.22 1.59
C ILE A 149 -18.95 3.80 3.04
N ASN A 150 -20.18 3.42 3.37
CA ASN A 150 -20.53 3.00 4.71
C ASN A 150 -20.94 1.53 4.69
N VAL A 151 -20.33 0.75 5.59
CA VAL A 151 -20.63 -0.67 5.69
C VAL A 151 -21.06 -0.99 7.12
N LYS A 152 -22.30 -1.42 7.27
CA LYS A 152 -22.79 -1.77 8.60
C LYS A 152 -23.03 -3.25 8.70
N TRP A 153 -22.59 -3.83 9.80
CA TRP A 153 -22.79 -5.24 10.04
C TRP A 153 -23.95 -5.45 11.00
N LYS A 154 -24.90 -6.29 10.63
CA LYS A 154 -26.05 -6.60 11.47
C LYS A 154 -26.10 -8.09 11.76
N ILE A 155 -26.22 -8.42 13.03
CA ILE A 155 -26.31 -9.80 13.46
C ILE A 155 -27.72 -9.98 14.02
N ASP A 156 -28.52 -10.79 13.35
CA ASP A 156 -29.89 -11.01 13.79
C ASP A 156 -30.62 -9.67 13.88
N GLY A 157 -30.19 -8.71 13.06
CA GLY A 157 -30.84 -7.41 13.03
C GLY A 157 -30.20 -6.27 13.78
N SER A 158 -29.30 -6.56 14.71
CA SER A 158 -28.66 -5.50 15.47
C SER A 158 -27.26 -5.14 14.94
N GLU A 159 -26.98 -3.84 14.92
CA GLU A 159 -25.69 -3.30 14.44
C GLU A 159 -24.47 -3.63 15.30
N ARG A 160 -23.47 -4.28 14.69
CA ARG A 160 -22.25 -4.65 15.40
C ARG A 160 -21.12 -3.69 15.07
N GLN A 161 -20.57 -3.06 16.10
CA GLN A 161 -19.49 -2.09 15.95
C GLN A 161 -18.10 -2.63 16.25
N ASN A 162 -17.99 -3.45 17.29
CA ASN A 162 -16.68 -4.01 17.67
C ASN A 162 -16.32 -5.25 16.84
N GLY A 163 -15.03 -5.37 16.51
CA GLY A 163 -14.55 -6.52 15.76
C GLY A 163 -14.58 -6.46 14.24
N VAL A 164 -14.62 -5.25 13.68
CA VAL A 164 -14.65 -5.09 12.23
C VAL A 164 -13.29 -4.62 11.70
N LEU A 165 -12.92 -5.13 10.53
CA LEU A 165 -11.64 -4.77 9.91
C LEU A 165 -11.88 -4.48 8.43
N ASN A 166 -11.76 -3.21 8.06
CA ASN A 166 -11.94 -2.79 6.68
C ASN A 166 -10.62 -2.48 6.00
N SER A 167 -10.59 -2.65 4.69
CA SER A 167 -9.39 -2.37 3.90
C SER A 167 -9.81 -2.07 2.46
N TRP A 168 -9.24 -1.01 1.89
CA TRP A 168 -9.53 -0.59 0.53
C TRP A 168 -8.28 -0.76 -0.34
N THR A 169 -8.49 -0.99 -1.63
CA THR A 169 -7.37 -1.11 -2.56
C THR A 169 -7.14 0.29 -3.09
N ASP A 170 -5.99 0.53 -3.70
CA ASP A 170 -5.75 1.84 -4.29
C ASP A 170 -6.71 1.89 -5.46
N GLN A 171 -6.79 3.04 -6.13
CA GLN A 171 -7.67 3.15 -7.27
C GLN A 171 -7.04 2.40 -8.45
N ASP A 172 -7.82 1.54 -9.09
CA ASP A 172 -7.32 0.77 -10.24
C ASP A 172 -7.26 1.68 -11.48
N SER A 173 -6.13 1.65 -12.19
CA SER A 173 -5.95 2.48 -13.38
C SER A 173 -6.73 1.98 -14.58
N LYS A 174 -7.11 0.71 -14.55
CA LYS A 174 -7.86 0.11 -15.65
C LYS A 174 -9.29 0.62 -15.75
N ASP A 175 -9.96 0.76 -14.60
CA ASP A 175 -11.35 1.20 -14.59
C ASP A 175 -11.67 2.38 -13.65
N SER A 176 -10.65 2.86 -12.93
CA SER A 176 -10.81 3.99 -12.02
C SER A 176 -11.69 3.71 -10.80
N THR A 177 -11.93 2.44 -10.53
CA THR A 177 -12.77 2.07 -9.40
C THR A 177 -11.96 1.61 -8.20
N TYR A 178 -12.62 1.63 -7.05
CA TYR A 178 -12.03 1.17 -5.81
C TYR A 178 -12.76 -0.11 -5.43
N SER A 179 -12.12 -0.93 -4.61
CA SER A 179 -12.72 -2.16 -4.11
C SER A 179 -12.44 -2.15 -2.61
N MET A 180 -13.31 -2.78 -1.83
CA MET A 180 -13.14 -2.81 -0.38
C MET A 180 -13.49 -4.15 0.26
N SER A 181 -12.86 -4.41 1.40
CA SER A 181 -13.08 -5.64 2.16
C SER A 181 -13.41 -5.29 3.61
N SER A 182 -14.46 -5.93 4.12
CA SER A 182 -14.91 -5.72 5.47
C SER A 182 -15.00 -7.09 6.15
N THR A 183 -14.27 -7.25 7.25
CA THR A 183 -14.26 -8.51 7.98
C THR A 183 -14.73 -8.39 9.43
N LEU A 184 -15.82 -9.10 9.74
CA LEU A 184 -16.37 -9.09 11.10
C LEU A 184 -15.86 -10.35 11.78
N THR A 185 -15.06 -10.19 12.83
CA THR A 185 -14.53 -11.34 13.53
C THR A 185 -15.24 -11.59 14.85
N LEU A 186 -15.63 -12.83 15.08
CA LEU A 186 -16.33 -13.22 16.30
C LEU A 186 -15.79 -14.55 16.80
N THR A 187 -16.37 -14.99 17.91
CA THR A 187 -16.02 -16.24 18.54
C THR A 187 -16.94 -17.29 17.91
N LYS A 188 -16.51 -18.54 17.89
CA LYS A 188 -17.34 -19.59 17.33
C LYS A 188 -18.62 -19.68 18.16
N ASP A 189 -18.45 -19.55 19.48
CA ASP A 189 -19.56 -19.64 20.42
C ASP A 189 -20.69 -18.68 20.06
N GLU A 190 -20.33 -17.43 19.81
CA GLU A 190 -21.32 -16.43 19.46
C GLU A 190 -21.94 -16.65 18.08
N TYR A 191 -21.09 -16.82 17.07
CA TYR A 191 -21.57 -17.03 15.71
C TYR A 191 -22.71 -18.05 15.72
N GLU A 192 -22.54 -19.11 16.49
CA GLU A 192 -23.58 -20.15 16.56
C GLU A 192 -24.74 -19.75 17.47
N ARG A 193 -24.62 -18.60 18.13
CA ARG A 193 -25.69 -18.13 19.01
C ARG A 193 -26.69 -17.26 18.27
N HIS A 194 -26.37 -16.94 17.02
CA HIS A 194 -27.26 -16.10 16.23
C HIS A 194 -27.60 -16.79 14.92
N ASN A 195 -28.48 -16.21 14.12
CA ASN A 195 -28.88 -16.85 12.87
C ASN A 195 -28.58 -16.05 11.62
N SER A 196 -28.98 -14.78 11.61
CA SER A 196 -28.76 -13.95 10.43
C SER A 196 -27.50 -13.08 10.52
N TYR A 197 -26.87 -12.89 9.37
CA TYR A 197 -25.64 -12.10 9.25
C TYR A 197 -25.71 -11.28 7.98
N THR A 198 -25.57 -9.97 8.10
CA THR A 198 -25.64 -9.11 6.93
C THR A 198 -24.74 -7.90 6.97
N CYS A 199 -24.23 -7.54 5.79
CA CYS A 199 -23.41 -6.35 5.68
C CYS A 199 -24.25 -5.42 4.81
N GLU A 200 -24.42 -4.20 5.30
CA GLU A 200 -25.21 -3.20 4.59
C GLU A 200 -24.26 -2.15 4.08
N ALA A 201 -24.35 -1.88 2.79
CA ALA A 201 -23.49 -0.88 2.18
C ALA A 201 -24.28 0.32 1.71
N THR A 202 -23.94 1.47 2.25
CA THR A 202 -24.60 2.71 1.86
C THR A 202 -23.60 3.43 0.98
N HIS A 203 -24.00 3.74 -0.24
CA HIS A 203 -23.13 4.41 -1.19
C HIS A 203 -23.87 5.52 -1.92
N LYS A 204 -23.22 6.67 -2.01
CA LYS A 204 -23.77 7.84 -2.69
C LYS A 204 -24.76 7.46 -3.80
N THR A 205 -24.38 6.45 -4.58
CA THR A 205 -25.18 5.97 -5.70
C THR A 205 -26.59 5.49 -5.36
N SER A 206 -26.93 5.43 -4.07
CA SER A 206 -28.25 4.97 -3.68
C SER A 206 -28.60 5.21 -2.22
N THR A 207 -29.77 5.79 -1.97
CA THR A 207 -30.25 6.04 -0.61
C THR A 207 -30.68 4.69 -0.04
N SER A 208 -30.80 3.71 -0.93
CA SER A 208 -31.16 2.35 -0.55
C SER A 208 -29.87 1.56 -0.35
N PRO A 209 -29.60 1.15 0.90
CA PRO A 209 -28.37 0.40 1.16
C PRO A 209 -28.42 -0.92 0.41
N ILE A 210 -27.29 -1.35 -0.13
CA ILE A 210 -27.25 -2.62 -0.82
C ILE A 210 -27.05 -3.61 0.30
N VAL A 211 -27.87 -4.66 0.33
CA VAL A 211 -27.73 -5.62 1.41
C VAL A 211 -27.49 -7.03 0.94
N LYS A 212 -26.61 -7.70 1.68
CA LYS A 212 -26.26 -9.08 1.40
C LYS A 212 -26.22 -9.76 2.76
N SER A 213 -26.66 -11.01 2.82
CA SER A 213 -26.66 -11.74 4.08
C SER A 213 -26.89 -13.24 3.87
N PHE A 214 -26.93 -13.97 4.97
CA PHE A 214 -27.16 -15.41 4.96
C PHE A 214 -27.51 -15.85 6.38
N ASN A 215 -28.09 -17.04 6.52
CA ASN A 215 -28.45 -17.58 7.82
C ASN A 215 -27.44 -18.66 8.19
N ARG A 216 -26.86 -18.54 9.38
CA ARG A 216 -25.87 -19.50 9.89
C ARG A 216 -26.34 -20.94 9.76
N ASP A 217 -27.66 -21.13 9.74
CA ASP A 217 -28.22 -22.47 9.65
C ASP A 217 -28.68 -22.83 8.24
N GLU A 218 -27.87 -22.58 7.22
CA GLU A 218 -28.31 -22.90 5.87
C GLU A 218 -27.25 -23.23 4.83
N CYS A 219 -27.71 -23.33 3.58
CA CYS A 219 -26.89 -23.59 2.40
C CYS A 219 -27.36 -22.62 1.32
N GLU B 1 22.41 0.60 -17.65
CA GLU B 1 21.17 0.92 -16.86
C GLU B 1 21.51 1.11 -15.39
N VAL B 2 20.93 2.14 -14.77
CA VAL B 2 21.18 2.34 -13.36
C VAL B 2 20.22 1.40 -12.65
N LYS B 3 20.68 0.80 -11.56
CA LYS B 3 19.85 -0.11 -10.80
C LYS B 3 20.34 -0.13 -9.36
N LEU B 4 19.41 0.01 -8.42
CA LEU B 4 19.72 -0.01 -7.00
C LEU B 4 18.78 -1.03 -6.38
N VAL B 5 19.32 -1.96 -5.61
CA VAL B 5 18.47 -2.98 -5.01
C VAL B 5 18.70 -3.19 -3.52
N GLU B 6 17.65 -2.91 -2.73
CA GLU B 6 17.73 -3.04 -1.28
C GLU B 6 17.53 -4.47 -0.78
N SER B 7 18.12 -4.75 0.38
CA SER B 7 18.01 -6.06 1.02
C SER B 7 18.43 -5.89 2.48
N GLY B 8 18.00 -6.82 3.33
CA GLY B 8 18.39 -6.76 4.74
C GLY B 8 17.27 -6.49 5.72
N GLY B 9 16.14 -6.01 5.21
CA GLY B 9 15.01 -5.70 6.07
C GLY B 9 14.44 -6.94 6.71
N GLY B 10 13.68 -6.74 7.78
CA GLY B 10 13.08 -7.85 8.47
C GLY B 10 12.56 -7.41 9.83
N LEU B 11 12.07 -8.36 10.62
CA LEU B 11 11.56 -8.06 11.95
C LEU B 11 12.71 -7.98 12.95
N VAL B 12 12.66 -6.95 13.78
CA VAL B 12 13.67 -6.71 14.80
C VAL B 12 13.01 -6.16 16.07
N LYS B 13 13.53 -6.55 17.23
CA LYS B 13 12.99 -6.09 18.50
C LYS B 13 13.56 -4.70 18.81
N PRO B 14 12.79 -3.87 19.52
CA PRO B 14 13.25 -2.52 19.86
C PRO B 14 14.65 -2.54 20.52
N GLY B 15 15.42 -1.49 20.26
CA GLY B 15 16.76 -1.43 20.83
C GLY B 15 17.71 -2.28 20.01
N GLY B 16 17.14 -3.15 19.18
CA GLY B 16 17.96 -4.02 18.35
C GLY B 16 18.70 -3.25 17.27
N SER B 17 19.54 -3.98 16.52
CA SER B 17 20.31 -3.41 15.43
C SER B 17 20.12 -4.23 14.15
N LEU B 18 20.16 -3.55 13.01
CA LEU B 18 19.99 -4.19 11.73
C LEU B 18 20.76 -3.37 10.68
N LYS B 19 21.44 -4.06 9.78
CA LYS B 19 22.19 -3.40 8.73
C LYS B 19 21.56 -3.68 7.36
N LEU B 20 21.20 -2.60 6.66
CA LEU B 20 20.59 -2.71 5.35
C LEU B 20 21.65 -2.55 4.28
N SER B 21 21.42 -3.21 3.15
CA SER B 21 22.32 -3.15 2.00
C SER B 21 21.55 -2.65 0.79
N CYS B 22 22.28 -2.09 -0.15
CA CYS B 22 21.72 -1.56 -1.38
C CYS B 22 22.78 -1.79 -2.47
N ALA B 23 22.52 -2.76 -3.33
CA ALA B 23 23.46 -3.08 -4.41
C ALA B 23 23.28 -2.12 -5.57
N ALA B 24 24.39 -1.48 -5.95
CA ALA B 24 24.38 -0.52 -7.02
C ALA B 24 25.00 -1.11 -8.25
N SER B 25 24.53 -0.66 -9.41
CA SER B 25 25.06 -1.15 -10.66
C SER B 25 24.75 -0.18 -11.79
N GLY B 26 25.55 -0.23 -12.85
CA GLY B 26 25.32 0.65 -13.99
C GLY B 26 25.87 2.06 -13.88
N PHE B 27 26.79 2.30 -12.95
CA PHE B 27 27.39 3.63 -12.81
C PHE B 27 28.59 3.69 -11.86
N THR B 28 29.29 4.82 -11.88
CA THR B 28 30.45 5.01 -11.03
C THR B 28 30.06 5.23 -9.58
N PHE B 29 29.93 4.13 -8.86
CA PHE B 29 29.54 4.13 -7.46
C PHE B 29 29.98 5.31 -6.59
N SER B 30 31.26 5.66 -6.62
CA SER B 30 31.76 6.75 -5.80
C SER B 30 31.49 8.15 -6.34
N ARG B 31 31.06 8.23 -7.60
CA ARG B 31 30.80 9.52 -8.24
C ARG B 31 29.56 10.26 -7.74
N TYR B 32 28.52 9.53 -7.37
CA TYR B 32 27.27 10.14 -6.94
C TYR B 32 26.95 10.09 -5.46
N ALA B 33 26.07 10.99 -5.02
CA ALA B 33 25.63 11.02 -3.62
C ALA B 33 24.51 9.99 -3.49
N LEU B 34 24.65 9.08 -2.52
CA LEU B 34 23.66 8.03 -2.31
C LEU B 34 22.86 8.30 -1.05
N SER B 35 21.55 8.07 -1.12
CA SER B 35 20.69 8.32 0.03
C SER B 35 19.76 7.19 0.41
N TRP B 36 19.28 7.27 1.65
CA TRP B 36 18.33 6.32 2.17
C TRP B 36 17.10 7.15 2.54
N VAL B 37 15.94 6.73 2.04
CA VAL B 37 14.68 7.41 2.31
C VAL B 37 13.70 6.34 2.76
N ARG B 38 12.92 6.64 3.78
CA ARG B 38 11.96 5.65 4.25
C ARG B 38 10.52 6.13 4.14
N GLN B 39 9.62 5.18 4.02
CA GLN B 39 8.22 5.49 3.90
C GLN B 39 7.46 4.74 4.96
N THR B 40 6.77 5.49 5.81
CA THR B 40 5.99 4.91 6.89
C THR B 40 4.62 4.49 6.37
N ALA B 41 3.87 3.79 7.23
CA ALA B 41 2.54 3.29 6.89
C ALA B 41 1.63 4.37 6.34
N ASP B 42 1.77 5.59 6.87
CA ASP B 42 0.94 6.71 6.40
C ASP B 42 1.48 7.20 5.07
N LYS B 43 2.28 6.36 4.43
CA LYS B 43 2.88 6.68 3.13
C LYS B 43 3.68 7.99 3.10
N ARG B 44 3.99 8.55 4.26
CA ARG B 44 4.77 9.78 4.25
C ARG B 44 6.22 9.42 4.00
N LEU B 45 6.92 10.27 3.26
CA LEU B 45 8.33 10.08 2.94
C LEU B 45 9.23 10.90 3.84
N GLU B 46 10.27 10.26 4.37
CA GLU B 46 11.23 10.93 5.24
C GLU B 46 12.67 10.61 4.88
N TRP B 47 13.41 11.63 4.48
CA TRP B 47 14.81 11.46 4.15
C TRP B 47 15.50 10.91 5.39
N VAL B 48 16.37 9.93 5.21
CA VAL B 48 17.04 9.34 6.36
C VAL B 48 18.48 9.79 6.50
N ALA B 49 19.27 9.52 5.46
CA ALA B 49 20.68 9.89 5.45
C ALA B 49 21.22 9.86 4.04
N SER B 50 22.35 10.54 3.86
CA SER B 50 23.00 10.61 2.56
C SER B 50 24.50 10.59 2.76
N ILE B 51 25.21 10.16 1.72
CA ILE B 51 26.65 10.15 1.75
C ILE B 51 27.03 10.65 0.37
N VAL B 52 27.82 11.71 0.31
CA VAL B 52 28.21 12.26 -0.98
C VAL B 52 29.51 11.65 -1.40
N SER B 53 29.87 11.84 -2.67
CA SER B 53 31.11 11.30 -3.19
C SER B 53 32.28 11.72 -2.29
N GLY B 54 32.12 12.83 -1.59
CA GLY B 54 33.17 13.32 -0.70
C GLY B 54 33.34 12.44 0.51
N GLY B 55 32.38 11.55 0.75
CA GLY B 55 32.44 10.65 1.88
C GLY B 55 31.65 11.21 3.04
N ASN B 56 31.36 12.50 2.97
CA ASN B 56 30.61 13.19 4.01
C ASN B 56 29.23 12.57 4.18
N THR B 57 28.81 12.40 5.44
CA THR B 57 27.53 11.80 5.74
C THR B 57 26.63 12.76 6.49
N TYR B 58 25.32 12.60 6.32
CA TYR B 58 24.34 13.46 6.99
C TYR B 58 23.15 12.62 7.42
N TYR B 59 22.52 13.01 8.52
CA TYR B 59 21.39 12.25 9.06
C TYR B 59 20.22 13.13 9.45
N SER B 60 19.07 12.50 9.68
CA SER B 60 17.89 13.23 10.09
C SER B 60 17.92 13.21 11.62
N GLY B 61 17.25 14.18 12.25
CA GLY B 61 17.23 14.24 13.69
C GLY B 61 16.95 12.93 14.42
N SER B 62 15.84 12.30 14.06
CA SER B 62 15.43 11.03 14.67
C SER B 62 16.49 9.94 14.56
N VAL B 63 17.24 9.99 13.47
CA VAL B 63 18.28 9.03 13.18
C VAL B 63 19.60 9.32 13.88
N LYS B 64 20.07 10.56 13.75
CA LYS B 64 21.30 11.02 14.37
C LYS B 64 21.74 10.21 15.59
N GLY B 65 22.98 9.73 15.54
CA GLY B 65 23.52 8.96 16.66
C GLY B 65 23.18 7.48 16.70
N ARG B 66 22.11 7.07 16.02
CA ARG B 66 21.71 5.67 16.01
C ARG B 66 22.04 4.97 14.70
N PHE B 67 21.85 5.68 13.59
CA PHE B 67 22.11 5.09 12.28
C PHE B 67 23.45 5.56 11.75
N THR B 68 24.01 4.77 10.84
CA THR B 68 25.29 5.09 10.23
C THR B 68 25.21 4.65 8.79
N ILE B 69 25.35 5.59 7.85
CA ILE B 69 25.31 5.22 6.45
C ILE B 69 26.75 5.14 6.00
N SER B 70 27.05 4.16 5.15
CA SER B 70 28.39 3.97 4.65
C SER B 70 28.35 3.31 3.29
N ARG B 71 29.52 3.17 2.66
CA ARG B 71 29.61 2.55 1.34
C ARG B 71 30.89 1.75 1.18
N ASP B 72 30.81 0.67 0.41
CA ASP B 72 31.98 -0.14 0.13
C ASP B 72 32.19 0.03 -1.37
N ILE B 73 32.91 1.08 -1.71
CA ILE B 73 33.18 1.43 -3.10
C ILE B 73 33.62 0.26 -3.95
N ALA B 74 34.40 -0.62 -3.37
CA ALA B 74 34.90 -1.78 -4.10
C ALA B 74 33.82 -2.75 -4.53
N ARG B 75 32.92 -3.12 -3.62
CA ARG B 75 31.85 -4.05 -3.94
C ARG B 75 30.64 -3.38 -4.58
N ASN B 76 30.60 -2.05 -4.55
CA ASN B 76 29.49 -1.30 -5.10
C ASN B 76 28.23 -1.60 -4.28
N ILE B 77 28.34 -1.38 -2.98
CA ILE B 77 27.23 -1.60 -2.07
C ILE B 77 27.12 -0.45 -1.09
N LEU B 78 25.89 0.02 -0.90
CA LEU B 78 25.60 1.10 0.02
C LEU B 78 24.96 0.46 1.26
N TYR B 79 25.40 0.89 2.44
CA TYR B 79 24.85 0.31 3.65
C TYR B 79 24.17 1.31 4.54
N LEU B 80 23.36 0.80 5.44
CA LEU B 80 22.68 1.60 6.43
C LEU B 80 22.70 0.77 7.69
N GLN B 81 23.54 1.18 8.65
CA GLN B 81 23.64 0.46 9.91
C GLN B 81 22.62 1.10 10.83
N MET B 82 21.80 0.28 11.47
CA MET B 82 20.78 0.79 12.38
C MET B 82 21.00 0.21 13.77
N SER B 83 20.68 1.01 14.79
CA SER B 83 20.84 0.58 16.18
C SER B 83 19.78 1.28 17.05
N SER B 84 19.61 0.80 18.28
CA SER B 84 18.63 1.39 19.18
C SER B 84 17.33 1.57 18.41
N LEU B 85 17.02 0.60 17.57
CA LEU B 85 15.82 0.63 16.76
C LEU B 85 14.58 0.87 17.61
N ARG B 86 13.84 1.92 17.25
CA ARG B 86 12.61 2.27 17.93
C ARG B 86 11.44 1.85 17.06
N SER B 87 10.27 1.71 17.66
CA SER B 87 9.09 1.34 16.91
C SER B 87 8.95 2.31 15.74
N GLU B 88 9.26 3.58 16.01
CA GLU B 88 9.19 4.67 15.03
C GLU B 88 9.98 4.41 13.75
N ASP B 89 10.89 3.44 13.80
CA ASP B 89 11.69 3.14 12.64
C ASP B 89 11.02 2.19 11.66
N THR B 90 9.92 1.54 12.08
CA THR B 90 9.22 0.62 11.18
C THR B 90 8.82 1.36 9.89
N ALA B 91 9.29 0.86 8.75
CA ALA B 91 8.96 1.48 7.47
C ALA B 91 9.64 0.80 6.31
N MET B 92 9.29 1.23 5.09
CA MET B 92 9.90 0.69 3.89
C MET B 92 11.09 1.59 3.58
N TYR B 93 12.28 1.00 3.56
CA TYR B 93 13.50 1.74 3.30
C TYR B 93 13.98 1.65 1.86
N TYR B 94 14.15 2.81 1.22
CA TYR B 94 14.61 2.85 -0.17
C TYR B 94 15.94 3.53 -0.24
N CYS B 95 16.74 3.14 -1.22
CA CYS B 95 18.00 3.82 -1.43
C CYS B 95 17.88 4.40 -2.80
N ALA B 96 18.46 5.57 -2.99
CA ALA B 96 18.39 6.24 -4.27
C ALA B 96 19.70 6.96 -4.57
N ARG B 97 19.90 7.21 -5.87
CA ARG B 97 21.08 7.90 -6.35
C ARG B 97 20.69 9.31 -6.76
N ALA B 98 21.53 10.28 -6.46
CA ALA B 98 21.24 11.66 -6.84
C ALA B 98 21.33 11.69 -8.36
N TYR B 99 20.63 12.61 -9.00
CA TYR B 99 20.70 12.69 -10.46
C TYR B 99 22.08 13.21 -10.81
N TYR B 100 22.54 14.13 -9.97
CA TYR B 100 23.86 14.73 -10.07
C TYR B 100 23.97 15.77 -8.97
N GLY B 101 25.11 15.80 -8.31
CA GLY B 101 25.33 16.74 -7.25
C GLY B 101 24.32 16.52 -6.13
N TYR B 102 23.63 17.58 -5.77
CA TYR B 102 22.63 17.48 -4.72
C TYR B 102 21.25 17.64 -5.37
N VAL B 103 21.14 17.26 -6.64
CA VAL B 103 19.88 17.39 -7.36
C VAL B 103 19.14 16.08 -7.72
N GLY B 104 17.96 15.91 -7.10
CA GLY B 104 17.12 14.75 -7.35
C GLY B 104 17.48 13.38 -6.77
N LEU B 105 16.44 12.58 -6.53
CA LEU B 105 16.59 11.22 -6.05
C LEU B 105 16.02 10.34 -7.15
N VAL B 106 16.88 9.57 -7.81
CA VAL B 106 16.45 8.72 -8.91
C VAL B 106 16.82 7.25 -8.75
N HIS B 107 16.21 6.44 -9.61
CA HIS B 107 16.42 5.01 -9.64
C HIS B 107 16.27 4.29 -8.30
N TRP B 108 15.29 4.75 -7.52
CA TRP B 108 15.00 4.15 -6.23
C TRP B 108 14.83 2.63 -6.48
N GLY B 109 15.18 1.82 -5.49
CA GLY B 109 14.98 0.38 -5.66
C GLY B 109 13.58 0.04 -5.22
N GLN B 110 13.25 -1.25 -5.22
CA GLN B 110 11.93 -1.67 -4.80
C GLN B 110 11.75 -1.53 -3.30
N GLY B 111 12.87 -1.35 -2.60
CA GLY B 111 12.80 -1.19 -1.16
C GLY B 111 12.86 -2.46 -0.34
N THR B 112 13.18 -2.31 0.93
CA THR B 112 13.28 -3.43 1.85
C THR B 112 12.49 -2.99 3.09
N LEU B 113 11.71 -3.89 3.65
CA LEU B 113 10.87 -3.57 4.80
C LEU B 113 11.48 -3.84 6.17
N VAL B 114 11.35 -2.86 7.06
CA VAL B 114 11.86 -2.95 8.42
C VAL B 114 10.72 -2.80 9.42
N THR B 115 10.46 -3.90 10.14
CA THR B 115 9.41 -3.94 11.16
C THR B 115 10.10 -4.02 12.52
N VAL B 116 9.87 -3.04 13.38
CA VAL B 116 10.45 -3.04 14.72
C VAL B 116 9.34 -3.29 15.73
N SER B 117 9.37 -4.44 16.38
CA SER B 117 8.32 -4.76 17.32
C SER B 117 8.69 -5.93 18.22
N SER B 118 7.88 -6.15 19.24
CA SER B 118 8.10 -7.22 20.20
C SER B 118 7.31 -8.47 19.84
N ALA B 119 6.22 -8.29 19.08
CA ALA B 119 5.39 -9.42 18.67
C ALA B 119 6.27 -10.42 17.95
N LYS B 120 5.94 -11.71 18.08
CA LYS B 120 6.73 -12.75 17.45
C LYS B 120 6.15 -13.18 16.11
N THR B 121 7.03 -13.61 15.23
CA THR B 121 6.63 -14.06 13.91
C THR B 121 5.58 -15.14 14.07
N THR B 122 4.48 -15.00 13.32
CA THR B 122 3.39 -15.95 13.39
C THR B 122 2.93 -16.30 11.99
N PRO B 123 2.79 -17.60 11.70
CA PRO B 123 2.35 -18.13 10.41
C PRO B 123 0.90 -17.72 10.17
N PRO B 124 0.53 -17.47 8.91
CA PRO B 124 -0.85 -17.08 8.63
C PRO B 124 -1.79 -18.28 8.65
N SER B 125 -3.06 -18.01 8.85
CA SER B 125 -4.08 -19.05 8.79
C SER B 125 -4.77 -18.66 7.52
N VAL B 126 -4.99 -19.65 6.64
CA VAL B 126 -5.60 -19.41 5.35
C VAL B 126 -6.97 -20.08 5.25
N TYR B 127 -8.01 -19.26 5.16
CA TYR B 127 -9.36 -19.78 5.10
C TYR B 127 -10.04 -19.50 3.77
N PRO B 128 -10.66 -20.52 3.19
CA PRO B 128 -11.36 -20.40 1.91
C PRO B 128 -12.68 -19.63 2.06
N LEU B 129 -13.04 -18.85 1.03
CA LEU B 129 -14.27 -18.09 1.04
C LEU B 129 -15.23 -18.56 -0.06
N ALA B 130 -16.20 -19.37 0.34
CA ALA B 130 -17.20 -19.89 -0.59
C ALA B 130 -18.56 -19.23 -0.40
N PRO B 131 -19.29 -18.98 -1.51
CA PRO B 131 -20.61 -18.35 -1.58
C PRO B 131 -21.67 -19.00 -0.71
N GLY B 132 -22.92 -18.64 -0.99
CA GLY B 132 -24.05 -19.21 -0.28
C GLY B 132 -24.83 -20.11 -1.21
N SER B 133 -24.49 -21.41 -1.18
CA SER B 133 -25.12 -22.43 -2.02
C SER B 133 -24.95 -22.21 -3.52
N ALA B 134 -26.08 -22.10 -4.22
CA ALA B 134 -26.09 -21.88 -5.66
C ALA B 134 -27.16 -20.86 -6.01
N ALA B 135 -28.29 -20.92 -5.31
CA ALA B 135 -29.40 -20.00 -5.53
C ALA B 135 -28.97 -18.55 -5.26
N GLN B 136 -28.58 -17.87 -6.35
CA GLN B 136 -28.12 -16.48 -6.37
C GLN B 136 -27.09 -16.46 -7.49
N THR B 137 -27.31 -17.32 -8.47
CA THR B 137 -26.41 -17.50 -9.61
C THR B 137 -26.64 -16.69 -10.90
N ASN B 138 -25.66 -15.84 -11.20
CA ASN B 138 -25.67 -15.06 -12.44
C ASN B 138 -24.54 -15.71 -13.24
N SER B 139 -24.03 -15.05 -14.28
CA SER B 139 -22.95 -15.66 -15.06
C SER B 139 -21.63 -15.73 -14.31
N MET B 140 -21.42 -14.80 -13.37
CA MET B 140 -20.19 -14.73 -12.58
C MET B 140 -20.40 -15.12 -11.13
N VAL B 141 -19.30 -15.51 -10.48
CA VAL B 141 -19.33 -15.86 -9.07
C VAL B 141 -18.02 -15.36 -8.44
N THR B 142 -18.12 -14.88 -7.21
CA THR B 142 -16.96 -14.34 -6.54
C THR B 142 -16.54 -15.24 -5.39
N LEU B 143 -15.25 -15.56 -5.36
CA LEU B 143 -14.70 -16.41 -4.31
C LEU B 143 -13.63 -15.61 -3.57
N GLY B 144 -13.05 -16.21 -2.54
CA GLY B 144 -12.04 -15.47 -1.81
C GLY B 144 -11.17 -16.30 -0.90
N CYS B 145 -10.23 -15.64 -0.25
CA CYS B 145 -9.34 -16.28 0.70
C CYS B 145 -9.03 -15.30 1.80
N LEU B 146 -9.13 -15.77 3.03
CA LEU B 146 -8.87 -14.94 4.19
C LEU B 146 -7.54 -15.42 4.77
N VAL B 147 -6.64 -14.48 4.99
CA VAL B 147 -5.33 -14.81 5.52
C VAL B 147 -5.16 -14.00 6.78
N LYS B 148 -5.35 -14.63 7.92
CA LYS B 148 -5.24 -13.86 9.15
C LYS B 148 -4.36 -14.46 10.21
N GLY B 149 -3.95 -13.62 11.15
CA GLY B 149 -3.14 -14.08 12.25
C GLY B 149 -1.67 -14.31 11.93
N TYR B 150 -1.16 -13.62 10.91
CA TYR B 150 0.25 -13.79 10.57
C TYR B 150 1.01 -12.55 10.98
N PHE B 151 2.34 -12.65 11.01
CA PHE B 151 3.19 -11.55 11.39
C PHE B 151 4.63 -11.96 11.13
N PRO B 152 5.44 -11.06 10.57
CA PRO B 152 5.08 -9.69 10.17
C PRO B 152 4.71 -9.69 8.69
N GLU B 153 4.62 -8.50 8.10
CA GLU B 153 4.34 -8.37 6.68
C GLU B 153 5.68 -8.77 6.07
N PRO B 154 5.71 -9.20 4.78
CA PRO B 154 4.57 -9.35 3.90
C PRO B 154 4.17 -10.79 3.69
N VAL B 155 3.13 -10.95 2.89
CA VAL B 155 2.60 -12.24 2.53
C VAL B 155 2.27 -12.07 1.06
N THR B 156 2.24 -13.16 0.30
CA THR B 156 1.86 -13.04 -1.12
C THR B 156 0.71 -13.98 -1.39
N VAL B 157 -0.17 -13.57 -2.28
CA VAL B 157 -1.30 -14.41 -2.62
C VAL B 157 -1.44 -14.47 -4.13
N THR B 158 -1.65 -15.68 -4.64
CA THR B 158 -1.85 -15.85 -6.07
C THR B 158 -3.01 -16.83 -6.22
N TRP B 159 -3.61 -16.87 -7.41
CA TRP B 159 -4.71 -17.79 -7.66
C TRP B 159 -4.32 -18.77 -8.77
N ASN B 160 -4.52 -20.05 -8.51
CA ASN B 160 -4.17 -21.09 -9.47
C ASN B 160 -2.70 -20.94 -9.84
N SER B 161 -1.86 -20.76 -8.83
CA SER B 161 -0.41 -20.59 -8.99
C SER B 161 -0.04 -19.36 -9.78
N GLY B 162 -1.05 -18.63 -10.25
CA GLY B 162 -0.80 -17.43 -11.03
C GLY B 162 -1.56 -17.52 -12.34
N SER B 163 -2.11 -18.70 -12.61
CA SER B 163 -2.87 -18.93 -13.83
C SER B 163 -4.08 -18.01 -13.85
N LEU B 164 -4.67 -17.81 -12.69
CA LEU B 164 -5.83 -16.93 -12.56
C LEU B 164 -5.29 -15.61 -12.05
N SER B 165 -5.34 -14.59 -12.90
CA SER B 165 -4.81 -13.28 -12.54
C SER B 165 -5.79 -12.15 -12.79
N SER B 166 -6.73 -12.36 -13.70
CA SER B 166 -7.72 -11.33 -14.00
C SER B 166 -8.90 -11.53 -13.04
N GLY B 167 -9.53 -10.43 -12.66
CA GLY B 167 -10.66 -10.51 -11.75
C GLY B 167 -10.24 -10.72 -10.30
N VAL B 168 -9.05 -10.28 -9.96
CA VAL B 168 -8.56 -10.44 -8.61
C VAL B 168 -8.44 -9.09 -7.91
N HIS B 169 -8.71 -9.09 -6.61
CA HIS B 169 -8.59 -7.90 -5.78
C HIS B 169 -8.00 -8.41 -4.48
N THR B 170 -6.76 -8.00 -4.20
CA THR B 170 -6.08 -8.40 -2.98
C THR B 170 -6.02 -7.14 -2.15
N PHE B 171 -6.50 -7.22 -0.92
CA PHE B 171 -6.55 -6.07 -0.05
C PHE B 171 -5.35 -5.91 0.85
N PRO B 172 -4.95 -4.66 1.10
CA PRO B 172 -3.80 -4.39 1.96
C PRO B 172 -4.06 -4.94 3.36
N ALA B 173 -3.03 -5.53 3.95
CA ALA B 173 -3.14 -6.11 5.28
C ALA B 173 -3.46 -5.08 6.35
N VAL B 174 -4.24 -5.49 7.33
CA VAL B 174 -4.57 -4.61 8.44
C VAL B 174 -4.03 -5.24 9.70
N LEU B 175 -3.35 -4.45 10.52
CA LEU B 175 -2.78 -4.93 11.77
C LEU B 175 -3.73 -4.70 12.94
N GLN B 176 -4.19 -5.78 13.55
CA GLN B 176 -5.09 -5.64 14.68
C GLN B 176 -4.52 -6.42 15.85
N SER B 177 -3.80 -5.71 16.71
CA SER B 177 -3.22 -6.32 17.89
C SER B 177 -2.13 -7.32 17.56
N ASP B 178 -1.00 -6.81 17.07
CA ASP B 178 0.16 -7.64 16.73
C ASP B 178 -0.01 -8.71 15.66
N LEU B 179 -1.17 -8.76 15.04
CA LEU B 179 -1.37 -9.74 13.98
C LEU B 179 -2.04 -9.08 12.80
N TYR B 180 -1.63 -9.48 11.60
CA TYR B 180 -2.19 -8.94 10.37
C TYR B 180 -3.26 -9.87 9.81
N THR B 181 -4.15 -9.27 9.02
CA THR B 181 -5.19 -10.01 8.37
C THR B 181 -5.30 -9.38 7.00
N LEU B 182 -5.47 -10.24 6.00
CA LEU B 182 -5.56 -9.78 4.63
C LEU B 182 -6.52 -10.71 3.93
N SER B 183 -7.12 -10.23 2.86
CA SER B 183 -8.03 -11.06 2.09
C SER B 183 -7.85 -10.77 0.61
N SER B 184 -8.29 -11.72 -0.20
CA SER B 184 -8.17 -11.57 -1.64
C SER B 184 -9.41 -12.20 -2.23
N SER B 185 -9.99 -11.53 -3.21
CA SER B 185 -11.17 -12.05 -3.85
C SER B 185 -10.86 -12.31 -5.31
N VAL B 186 -11.64 -13.21 -5.91
CA VAL B 186 -11.47 -13.50 -7.32
C VAL B 186 -12.85 -13.81 -7.87
N THR B 187 -13.14 -13.32 -9.07
CA THR B 187 -14.43 -13.55 -9.71
C THR B 187 -14.21 -14.38 -10.97
N VAL B 188 -14.98 -15.44 -11.13
CA VAL B 188 -14.86 -16.31 -12.30
C VAL B 188 -16.24 -16.68 -12.80
N PRO B 189 -16.33 -17.20 -14.04
CA PRO B 189 -17.65 -17.57 -14.57
C PRO B 189 -18.24 -18.65 -13.67
N SER B 190 -19.47 -18.43 -13.23
CA SER B 190 -20.12 -19.39 -12.37
C SER B 190 -20.14 -20.78 -12.98
N SER B 191 -20.02 -20.86 -14.30
CA SER B 191 -20.05 -22.15 -14.98
C SER B 191 -18.73 -22.91 -14.88
N THR B 192 -17.65 -22.23 -14.48
CA THR B 192 -16.35 -22.88 -14.37
C THR B 192 -16.01 -23.29 -12.95
N TRP B 193 -16.86 -22.94 -12.00
CA TRP B 193 -16.63 -23.33 -10.61
C TRP B 193 -17.95 -23.80 -10.02
N PRO B 194 -17.93 -24.89 -9.23
CA PRO B 194 -16.71 -25.64 -8.92
C PRO B 194 -16.32 -26.75 -9.90
N SER B 195 -16.73 -26.64 -11.17
CA SER B 195 -16.36 -27.67 -12.16
C SER B 195 -14.85 -27.77 -12.18
N GLU B 196 -14.21 -26.64 -12.45
CA GLU B 196 -12.75 -26.55 -12.48
C GLU B 196 -12.28 -25.99 -11.14
N THR B 197 -11.09 -26.39 -10.73
CA THR B 197 -10.53 -25.95 -9.45
C THR B 197 -10.14 -24.48 -9.37
N VAL B 198 -10.36 -23.90 -8.20
CA VAL B 198 -9.98 -22.52 -7.91
C VAL B 198 -9.27 -22.64 -6.56
N THR B 199 -7.99 -22.28 -6.55
CA THR B 199 -7.17 -22.39 -5.35
C THR B 199 -6.35 -21.14 -5.16
N CYS B 200 -6.20 -20.71 -3.92
CA CYS B 200 -5.38 -19.52 -3.66
C CYS B 200 -4.10 -20.01 -3.02
N ASN B 201 -2.98 -19.43 -3.45
CA ASN B 201 -1.67 -19.79 -2.95
C ASN B 201 -1.16 -18.65 -2.08
N VAL B 202 -0.88 -18.96 -0.82
CA VAL B 202 -0.41 -17.96 0.12
C VAL B 202 0.98 -18.26 0.64
N ALA B 203 1.89 -17.29 0.53
CA ALA B 203 3.24 -17.48 1.02
C ALA B 203 3.62 -16.42 2.06
N HIS B 204 4.26 -16.84 3.12
CA HIS B 204 4.71 -15.95 4.19
C HIS B 204 6.18 -16.21 4.40
N PRO B 205 7.04 -15.46 3.72
CA PRO B 205 8.50 -15.61 3.84
C PRO B 205 9.00 -15.71 5.28
N ALA B 206 8.68 -14.69 6.07
CA ALA B 206 9.09 -14.63 7.47
C ALA B 206 8.98 -15.95 8.25
N SER B 207 8.04 -16.80 7.86
CA SER B 207 7.85 -18.07 8.56
C SER B 207 8.04 -19.25 7.64
N SER B 208 8.57 -18.99 6.44
CA SER B 208 8.81 -20.05 5.46
C SER B 208 7.53 -20.84 5.22
N THR B 209 6.39 -20.20 5.42
CA THR B 209 5.11 -20.86 5.23
C THR B 209 4.65 -20.72 3.80
N LYS B 210 4.04 -21.79 3.30
CA LYS B 210 3.50 -21.81 1.96
C LYS B 210 2.27 -22.70 2.03
N VAL B 211 1.12 -22.14 1.72
CA VAL B 211 -0.13 -22.89 1.77
C VAL B 211 -1.00 -22.66 0.55
N ASP B 212 -1.63 -23.72 0.07
CA ASP B 212 -2.55 -23.65 -1.07
C ASP B 212 -3.91 -24.08 -0.53
N LYS B 213 -4.92 -23.25 -0.72
CA LYS B 213 -6.25 -23.59 -0.22
C LYS B 213 -7.25 -23.68 -1.35
N LYS B 214 -7.80 -24.87 -1.53
CA LYS B 214 -8.79 -25.02 -2.57
C LYS B 214 -10.09 -24.43 -2.06
N ILE B 215 -10.83 -23.76 -2.92
CA ILE B 215 -12.10 -23.18 -2.54
C ILE B 215 -13.16 -24.23 -2.90
N VAL B 216 -13.79 -24.80 -1.88
CA VAL B 216 -14.81 -25.80 -2.11
C VAL B 216 -16.19 -25.26 -1.73
N PRO B 217 -17.19 -25.48 -2.59
CA PRO B 217 -18.53 -24.97 -2.28
C PRO B 217 -18.97 -25.42 -0.89
N ARG B 218 -19.73 -24.58 -0.19
CA ARG B 218 -20.19 -24.89 1.14
C ARG B 218 -20.85 -26.26 1.30
N ASP B 219 -20.48 -26.95 2.38
CA ASP B 219 -20.98 -28.28 2.74
C ASP B 219 -22.24 -28.68 1.97
N CYS B 220 -23.38 -28.20 2.49
CA CYS B 220 -24.69 -28.45 1.91
C CYS B 220 -25.00 -29.93 1.77
N GLY B 221 -24.25 -30.77 2.47
CA GLY B 221 -24.46 -32.20 2.36
C GLY B 221 -24.44 -32.63 0.90
C1 TES C . 23.91 16.75 1.17
C2 TES C . 24.54 17.49 2.39
C3 TES C . 24.05 18.96 2.50
O3 TES C . 24.72 19.81 3.13
C4 TES C . 22.73 19.38 1.82
C5 TES C . 21.94 18.45 1.20
C6 TES C . 20.57 18.93 0.61
C7 TES C . 20.32 18.22 -0.71
C8 TES C . 20.43 16.70 -0.71
C9 TES C . 21.95 16.36 -0.34
C10 TES C . 22.36 16.92 1.08
C11 TES C . 22.19 14.79 -0.40
C12 TES C . 21.81 14.20 -1.80
C13 TES C . 20.33 14.52 -2.08
C14 TES C . 20.10 16.05 -2.08
C15 TES C . 18.63 16.08 -2.49
C16 TES C . 18.57 15.06 -3.68
C17 TES C . 19.91 14.24 -3.51
O17 TES C . 19.79 12.87 -3.91
C18 TES C . 19.47 13.71 -1.03
C19 TES C . 21.71 16.23 2.32
#